data_4C02
#
_entry.id   4C02
#
_cell.length_a   182.330
_cell.length_b   182.330
_cell.length_c   182.330
_cell.angle_alpha   90.00
_cell.angle_beta   90.00
_cell.angle_gamma   90.00
#
_symmetry.space_group_name_H-M   'P 41 3 2'
#
loop_
_entity.id
_entity.type
_entity.pdbx_description
1 polymer 'ACTIVIN RECEPTOR TYPE-1'
2 polymer 'PEPTIDYL-PROLYL CIS-TRANS ISOMERASE FKBP1B'
3 non-polymer 'CITRATE ANION'
4 non-polymer 6-[4-(2-piperidin-1-ylethoxy)phenyl]-3-pyridin-4-ylpyrazolo[1,5-a]pyrimidine
5 non-polymer 1,2-ETHANEDIOL
6 water water
#
loop_
_entity_poly.entity_id
_entity_poly.type
_entity_poly.pdbx_seq_one_letter_code
_entity_poly.pdbx_strand_id
1 'polypeptide(L)'
;SMTTNVGDSTLADLLDHSCTSGSGSGLPFLVQRTVARQITLLECVGKGRYGEVWRGSWQGENVAVKIFSSRDEKSWFRET
ELYNTVMLRHENILGFIASDMTSRHSSTQLWLITHYHEMGSLYDYLQLTTLDTVSCLRIVLSIASGLAHLHIEIFGTQGK
PAIAHRDLKSKNILVKKNGQCCIADLGLAVMHSQSTNQLDVGNNPRVGTKRYMAPEVLDETIQVDCFDSYKRVDIWAFGL
VLWEVARRMVSNGIVEDYKPPFYDVVPNDPSFEDMRKVVCVDQQRPNIPNRWFSDPTLTSLAKLMKECWYQNPSARLTAL
RIKKTLTKID
;
A
2 'polypeptide(L)'
;MGVEIETISPGDGRTFPKKGQTCVVHYTGMLQNGKKFDSSRDRNKPFKFRIGKQEVIKGFEEGAAQMSLGQRAKLTCTPD
VAYGATGHPGVIPPNATLIFDVELLNLE
;
B
#
loop_
_chem_comp.id
_chem_comp.type
_chem_comp.name
_chem_comp.formula
EDO non-polymer 1,2-ETHANEDIOL 'C2 H6 O2'
FLC non-polymer 'CITRATE ANION' 'C6 H5 O7 -3'
TAK non-polymer 6-[4-(2-piperidin-1-ylethoxy)phenyl]-3-pyridin-4-ylpyrazolo[1,5-a]pyrimidine 'C24 H25 N5 O'
#
# COMPACT_ATOMS: atom_id res chain seq x y z
N SER A 9 14.38 18.81 -3.37
CA SER A 9 14.71 18.83 -1.91
C SER A 9 13.77 17.89 -1.11
N THR A 10 12.50 18.23 -1.01
CA THR A 10 11.50 17.49 -0.21
C THR A 10 11.07 16.16 -0.90
N LEU A 11 10.51 15.22 -0.14
CA LEU A 11 10.05 13.96 -0.74
C LEU A 11 8.93 14.22 -1.73
N ALA A 12 8.13 15.26 -1.50
CA ALA A 12 7.05 15.63 -2.43
C ALA A 12 7.57 16.05 -3.82
N ASP A 13 8.69 16.77 -3.86
CA ASP A 13 9.33 17.16 -5.13
C ASP A 13 9.70 15.91 -5.88
N LEU A 14 10.45 15.02 -5.21
CA LEU A 14 10.90 13.78 -5.81
C LEU A 14 9.73 12.92 -6.34
N LEU A 15 8.56 13.09 -5.75
CA LEU A 15 7.38 12.33 -6.13
C LEU A 15 6.57 13.00 -7.24
N ASP A 16 6.69 14.31 -7.39
CA ASP A 16 5.83 15.10 -8.30
C ASP A 16 5.64 14.51 -9.69
N SER A 21 7.79 10.24 -13.55
CA SER A 21 6.89 10.29 -14.72
C SER A 21 7.02 9.01 -15.57
N GLY A 22 6.03 8.13 -15.39
CA GLY A 22 6.03 6.81 -16.02
C GLY A 22 4.96 5.92 -15.42
N SER A 23 5.35 5.08 -14.45
CA SER A 23 4.42 4.12 -13.82
C SER A 23 4.74 3.80 -12.34
N GLY A 24 3.74 3.24 -11.65
CA GLY A 24 3.81 3.01 -10.23
C GLY A 24 3.34 4.20 -9.40
N SER A 25 3.33 4.03 -8.09
CA SER A 25 2.76 5.00 -7.18
C SER A 25 3.81 5.86 -6.48
N GLY A 26 5.03 5.33 -6.36
CA GLY A 26 6.03 5.98 -5.49
C GLY A 26 7.20 6.59 -6.22
N LEU A 27 8.40 6.49 -5.63
CA LEU A 27 9.59 7.02 -6.28
C LEU A 27 9.98 6.20 -7.50
N PRO A 28 10.70 6.82 -8.44
CA PRO A 28 11.25 6.04 -9.53
C PRO A 28 11.99 4.82 -8.98
N PHE A 29 11.98 3.73 -9.74
N PHE A 29 11.95 3.73 -9.73
CA PHE A 29 12.35 2.43 -9.20
CA PHE A 29 12.43 2.45 -9.25
C PHE A 29 13.79 2.40 -8.61
C PHE A 29 13.79 2.53 -8.56
N LEU A 30 14.79 2.93 -9.33
CA LEU A 30 16.17 2.91 -8.82
C LEU A 30 16.33 3.88 -7.64
N VAL A 31 15.53 4.94 -7.61
CA VAL A 31 15.56 5.90 -6.52
C VAL A 31 15.02 5.33 -5.21
N GLN A 32 14.20 4.27 -5.28
CA GLN A 32 13.64 3.66 -4.04
C GLN A 32 14.75 3.13 -3.14
N ARG A 33 15.75 2.48 -3.72
CA ARG A 33 16.93 2.04 -2.97
C ARG A 33 17.67 3.23 -2.34
N THR A 34 17.90 4.26 -3.13
CA THR A 34 18.68 5.38 -2.66
C THR A 34 18.01 5.99 -1.44
N VAL A 35 16.71 6.27 -1.52
CA VAL A 35 16.02 6.90 -0.39
C VAL A 35 15.97 5.95 0.78
N ALA A 36 15.77 4.65 0.50
CA ALA A 36 15.66 3.73 1.59
C ALA A 36 16.95 3.68 2.40
N ARG A 37 18.09 3.70 1.73
CA ARG A 37 19.37 3.68 2.43
C ARG A 37 19.70 5.00 3.13
N GLN A 38 19.04 6.08 2.74
CA GLN A 38 19.25 7.37 3.41
C GLN A 38 18.37 7.57 4.66
N ILE A 39 17.51 6.61 4.95
CA ILE A 39 16.56 6.75 6.05
C ILE A 39 17.22 6.36 7.35
N THR A 40 16.95 7.13 8.40
CA THR A 40 17.29 6.76 9.77
C THR A 40 16.03 6.34 10.54
N LEU A 41 16.04 5.15 11.11
CA LEU A 41 14.97 4.66 11.96
C LEU A 41 15.05 5.29 13.35
N LEU A 42 13.92 5.76 13.85
CA LEU A 42 13.87 6.48 15.12
C LEU A 42 13.12 5.73 16.21
N GLU A 43 11.89 5.34 15.99
CA GLU A 43 11.15 4.62 17.03
C GLU A 43 10.11 3.70 16.42
N CYS A 44 9.94 2.56 17.07
CA CYS A 44 8.92 1.62 16.71
C CYS A 44 7.59 2.17 17.18
N VAL A 45 6.62 2.32 16.26
CA VAL A 45 5.28 2.78 16.65
C VAL A 45 4.22 1.72 16.56
N GLY A 46 4.60 0.53 16.10
CA GLY A 46 3.66 -0.57 15.95
C GLY A 46 4.44 -1.87 15.85
N LYS A 47 3.88 -2.91 16.44
CA LYS A 47 4.53 -4.24 16.48
C LYS A 47 3.40 -5.28 16.48
N GLY A 48 3.59 -6.35 15.73
CA GLY A 48 2.57 -7.40 15.59
C GLY A 48 3.18 -8.61 14.92
N ARG A 49 2.35 -9.56 14.54
CA ARG A 49 2.82 -10.74 13.79
C ARG A 49 3.23 -10.33 12.35
N TYR A 50 2.69 -9.23 11.84
CA TYR A 50 3.09 -8.66 10.53
C TYR A 50 4.59 -8.27 10.45
N GLY A 51 5.21 -8.01 11.60
CA GLY A 51 6.51 -7.38 11.65
C GLY A 51 6.42 -6.14 12.51
N GLU A 52 7.05 -5.06 12.07
CA GLU A 52 7.06 -3.80 12.84
C GLU A 52 6.82 -2.61 11.93
N VAL A 53 6.18 -1.58 12.47
CA VAL A 53 6.16 -0.27 11.81
C VAL A 53 6.98 0.71 12.62
N TRP A 54 7.88 1.42 11.94
CA TRP A 54 8.77 2.38 12.56
C TRP A 54 8.52 3.76 12.05
N ARG A 55 8.71 4.75 12.90
CA ARG A 55 8.89 6.10 12.43
C ARG A 55 10.35 6.28 12.08
N GLY A 56 10.61 6.85 10.92
CA GLY A 56 11.95 7.10 10.44
C GLY A 56 12.07 8.49 9.88
N SER A 57 13.28 8.88 9.52
CA SER A 57 13.50 10.21 8.99
C SER A 57 14.36 10.16 7.73
N TRP A 58 13.93 10.90 6.70
CA TRP A 58 14.71 11.11 5.49
C TRP A 58 14.95 12.61 5.34
N GLN A 59 16.22 13.02 5.40
CA GLN A 59 16.60 14.44 5.32
C GLN A 59 15.69 15.36 6.14
N GLY A 60 15.48 14.97 7.39
CA GLY A 60 14.71 15.76 8.31
C GLY A 60 13.19 15.65 8.20
N GLU A 61 12.65 14.77 7.34
CA GLU A 61 11.18 14.57 7.33
C GLU A 61 10.74 13.16 7.65
N ASN A 62 9.70 13.06 8.49
CA ASN A 62 9.12 11.78 8.87
C ASN A 62 8.66 10.91 7.69
N VAL A 63 8.88 9.61 7.80
CA VAL A 63 8.32 8.58 6.91
C VAL A 63 8.00 7.40 7.80
N ALA A 64 7.14 6.52 7.34
CA ALA A 64 6.88 5.26 8.03
C ALA A 64 7.61 4.13 7.32
N VAL A 65 8.18 3.23 8.11
CA VAL A 65 8.87 2.10 7.54
C VAL A 65 8.26 0.88 8.18
N LYS A 66 7.62 0.05 7.36
CA LYS A 66 7.14 -1.23 7.79
C LYS A 66 8.17 -2.28 7.42
N ILE A 67 8.60 -3.01 8.44
CA ILE A 67 9.64 -4.03 8.32
C ILE A 67 8.91 -5.32 8.53
N PHE A 68 8.87 -6.15 7.51
CA PHE A 68 8.01 -7.30 7.52
C PHE A 68 8.70 -8.45 8.22
N SER A 69 7.92 -9.22 8.98
CA SER A 69 8.39 -10.48 9.56
C SER A 69 8.64 -11.44 8.42
N SER A 70 9.48 -12.45 8.63
CA SER A 70 9.72 -13.45 7.58
C SER A 70 8.47 -14.32 7.32
N ARG A 71 7.63 -14.51 8.35
CA ARG A 71 6.31 -15.14 8.13
C ARG A 71 5.47 -14.39 7.07
N ASP A 72 5.65 -13.07 6.93
CA ASP A 72 4.84 -12.26 6.00
C ASP A 72 5.56 -11.79 4.72
N GLU A 73 6.63 -12.44 4.33
CA GLU A 73 7.34 -12.08 3.10
C GLU A 73 6.39 -11.91 1.90
N LYS A 74 5.37 -12.75 1.81
CA LYS A 74 4.49 -12.73 0.65
C LYS A 74 3.62 -11.49 0.62
N SER A 75 3.30 -10.94 1.78
CA SER A 75 2.55 -9.69 1.81
C SER A 75 3.43 -8.53 1.31
N TRP A 76 4.69 -8.50 1.73
CA TRP A 76 5.64 -7.47 1.26
C TRP A 76 5.68 -7.53 -0.25
N PHE A 77 5.87 -8.74 -0.77
CA PHE A 77 5.92 -8.95 -2.20
C PHE A 77 4.67 -8.43 -2.89
N ARG A 78 3.49 -8.81 -2.41
CA ARG A 78 2.26 -8.41 -3.09
C ARG A 78 2.01 -6.93 -2.99
N GLU A 79 2.26 -6.36 -1.81
CA GLU A 79 2.01 -4.94 -1.62
C GLU A 79 2.97 -4.11 -2.48
N THR A 80 4.23 -4.54 -2.50
CA THR A 80 5.23 -3.89 -3.30
C THR A 80 4.86 -3.93 -4.77
N GLU A 81 4.46 -5.11 -5.23
CA GLU A 81 4.08 -5.29 -6.62
C GLU A 81 2.93 -4.39 -7.04
N LEU A 82 1.90 -4.34 -6.20
CA LEU A 82 0.72 -3.56 -6.48
C LEU A 82 1.05 -2.08 -6.63
N TYR A 83 1.74 -1.54 -5.62
CA TYR A 83 2.08 -0.13 -5.64
C TYR A 83 3.03 0.22 -6.78
N ASN A 84 3.89 -0.72 -7.17
CA ASN A 84 4.84 -0.44 -8.25
C ASN A 84 4.24 -0.66 -9.63
N THR A 85 3.10 -1.33 -9.72
CA THR A 85 2.49 -1.59 -11.03
C THR A 85 1.22 -0.81 -11.27
N VAL A 86 0.61 -0.30 -10.22
CA VAL A 86 -0.62 0.48 -10.33
C VAL A 86 -0.37 1.90 -9.82
N MET A 87 -0.97 2.87 -10.49
CA MET A 87 -0.89 4.27 -10.05
C MET A 87 -2.00 4.50 -9.05
N LEU A 88 -1.63 4.48 -7.79
CA LEU A 88 -2.60 4.35 -6.72
C LEU A 88 -2.59 5.54 -5.78
N ARG A 89 -2.10 6.67 -6.27
CA ARG A 89 -2.17 7.92 -5.53
C ARG A 89 -3.59 8.42 -5.34
N HIS A 90 -3.96 8.68 -4.11
CA HIS A 90 -5.32 9.05 -3.74
C HIS A 90 -5.24 9.45 -2.30
N GLU A 91 -6.00 10.48 -1.96
CA GLU A 91 -6.03 11.05 -0.62
C GLU A 91 -6.35 10.01 0.47
N ASN A 92 -7.10 8.98 0.12
CA ASN A 92 -7.57 8.00 1.11
C ASN A 92 -7.03 6.59 0.90
N ILE A 93 -5.92 6.50 0.20
CA ILE A 93 -5.14 5.24 0.14
C ILE A 93 -3.72 5.57 0.67
N LEU A 94 -3.21 4.82 1.64
CA LEU A 94 -1.90 5.17 2.21
C LEU A 94 -0.88 5.43 1.09
N GLY A 95 -0.21 6.59 1.14
CA GLY A 95 0.79 6.95 0.13
C GLY A 95 2.09 6.18 0.19
N PHE A 96 2.37 5.45 -0.87
CA PHE A 96 3.59 4.64 -0.98
C PHE A 96 4.75 5.50 -1.44
N ILE A 97 5.92 5.28 -0.83
CA ILE A 97 7.14 5.96 -1.24
C ILE A 97 8.16 5.02 -1.95
N ALA A 98 8.45 3.91 -1.30
CA ALA A 98 9.45 2.94 -1.78
C ALA A 98 9.36 1.60 -1.06
N SER A 99 9.90 0.58 -1.71
N SER A 99 9.85 0.56 -1.73
CA SER A 99 10.13 -0.71 -1.11
CA SER A 99 10.14 -0.73 -1.12
C SER A 99 11.58 -1.08 -1.33
C SER A 99 11.61 -1.02 -1.31
N ASP A 100 12.20 -1.76 -0.36
CA ASP A 100 13.62 -2.11 -0.46
C ASP A 100 13.95 -3.39 0.28
N MET A 101 14.92 -4.12 -0.25
CA MET A 101 15.58 -5.27 0.42
C MET A 101 16.96 -4.87 0.89
N THR A 102 17.30 -5.21 2.12
CA THR A 102 18.56 -4.73 2.74
C THR A 102 19.05 -5.80 3.71
N SER A 103 20.25 -6.36 3.48
CA SER A 103 20.85 -7.36 4.42
C SER A 103 21.27 -6.70 5.75
N ARG A 104 20.47 -6.92 6.80
CA ARG A 104 20.69 -6.33 8.14
C ARG A 104 20.24 -7.29 9.25
N SER A 107 20.55 -11.67 7.81
CA SER A 107 19.37 -11.99 7.00
C SER A 107 18.75 -10.73 6.37
N THR A 108 18.24 -10.88 5.15
CA THR A 108 17.67 -9.74 4.39
C THR A 108 16.37 -9.24 5.02
N GLN A 109 16.27 -7.92 5.24
CA GLN A 109 15.08 -7.27 5.77
C GLN A 109 14.27 -6.73 4.61
N LEU A 110 12.95 -6.75 4.77
CA LEU A 110 12.01 -6.28 3.76
C LEU A 110 11.28 -5.02 4.26
N TRP A 111 11.45 -3.91 3.56
CA TRP A 111 10.97 -2.59 3.99
C TRP A 111 9.93 -2.13 3.03
N LEU A 112 8.82 -1.62 3.57
CA LEU A 112 7.88 -0.86 2.79
C LEU A 112 7.81 0.53 3.42
N ILE A 113 8.04 1.58 2.62
CA ILE A 113 8.18 2.92 3.14
C ILE A 113 7.03 3.74 2.63
N THR A 114 6.34 4.42 3.55
CA THR A 114 5.12 5.13 3.21
C THR A 114 5.05 6.47 3.90
N HIS A 115 4.07 7.27 3.50
CA HIS A 115 3.68 8.49 4.21
C HIS A 115 3.45 8.13 5.68
N TYR A 116 3.95 8.97 6.59
CA TYR A 116 3.82 8.77 8.04
C TYR A 116 2.61 9.53 8.53
N HIS A 117 1.79 8.87 9.34
CA HIS A 117 0.60 9.48 9.91
C HIS A 117 0.62 9.35 11.42
N GLU A 118 0.91 10.45 12.10
CA GLU A 118 1.22 10.40 13.53
C GLU A 118 -0.01 10.07 14.37
N MET A 119 -1.23 10.25 13.84
CA MET A 119 -2.41 9.90 14.66
C MET A 119 -2.59 8.41 14.76
N GLY A 120 -1.89 7.61 13.95
CA GLY A 120 -1.99 6.15 14.01
C GLY A 120 -3.29 5.60 13.41
N SER A 121 -3.68 4.42 13.84
CA SER A 121 -4.81 3.73 13.25
C SER A 121 -6.14 4.23 13.76
N LEU A 122 -7.19 4.07 12.96
CA LEU A 122 -8.55 4.37 13.38
C LEU A 122 -8.90 3.59 14.66
N TYR A 123 -8.49 2.33 14.69
CA TYR A 123 -8.67 1.51 15.90
C TYR A 123 -8.16 2.20 17.16
N ASP A 124 -6.92 2.66 17.13
CA ASP A 124 -6.37 3.34 18.31
C ASP A 124 -7.04 4.65 18.59
N TYR A 125 -7.32 5.41 17.54
CA TYR A 125 -7.93 6.73 17.70
C TYR A 125 -9.31 6.68 18.35
N LEU A 126 -10.12 5.72 17.91
CA LEU A 126 -11.48 5.59 18.44
C LEU A 126 -11.48 5.19 19.90
N GLN A 127 -10.38 4.63 20.37
CA GLN A 127 -10.35 4.21 21.74
C GLN A 127 -10.45 5.25 22.86
N LEU A 128 -9.69 6.33 22.75
CA LEU A 128 -9.89 7.41 23.71
C LEU A 128 -10.31 8.76 23.08
N THR A 129 -10.97 8.73 21.93
CA THR A 129 -11.66 9.91 21.45
C THR A 129 -13.09 9.58 21.02
N THR A 130 -14.01 10.46 21.39
CA THR A 130 -15.35 10.48 20.86
C THR A 130 -15.40 11.57 19.80
N LEU A 131 -16.40 11.52 18.92
CA LEU A 131 -16.44 12.26 17.67
C LEU A 131 -17.63 13.20 17.64
N ASP A 132 -17.46 14.40 17.07
CA ASP A 132 -18.63 15.22 16.74
C ASP A 132 -19.22 14.70 15.42
N THR A 133 -20.29 15.31 14.96
CA THR A 133 -20.99 14.82 13.78
C THR A 133 -20.13 15.00 12.51
N VAL A 134 -19.57 16.19 12.39
CA VAL A 134 -18.66 16.51 11.30
C VAL A 134 -17.56 15.43 11.16
N SER A 135 -16.92 15.06 12.27
CA SER A 135 -15.77 14.16 12.24
C SER A 135 -16.18 12.75 11.95
N CYS A 136 -17.24 12.28 12.60
CA CYS A 136 -17.80 10.99 12.22
C CYS A 136 -18.01 10.89 10.71
N LEU A 137 -18.72 11.84 10.12
CA LEU A 137 -19.03 11.80 8.69
C LEU A 137 -17.77 11.90 7.82
N ARG A 138 -16.82 12.72 8.25
CA ARG A 138 -15.62 12.88 7.49
C ARG A 138 -14.86 11.56 7.47
N ILE A 139 -14.80 10.91 8.60
CA ILE A 139 -14.12 9.64 8.68
C ILE A 139 -14.75 8.62 7.73
N VAL A 140 -16.06 8.41 7.84
CA VAL A 140 -16.66 7.31 7.10
C VAL A 140 -16.73 7.63 5.60
N LEU A 141 -17.03 8.89 5.23
CA LEU A 141 -16.95 9.29 3.82
C LEU A 141 -15.57 9.04 3.23
N SER A 142 -14.52 9.39 3.99
CA SER A 142 -13.16 9.22 3.46
C SER A 142 -12.84 7.75 3.25
N ILE A 143 -13.29 6.87 4.15
CA ILE A 143 -13.01 5.44 3.96
C ILE A 143 -13.72 4.93 2.70
N ALA A 144 -14.97 5.34 2.53
CA ALA A 144 -15.76 4.96 1.36
C ALA A 144 -15.14 5.45 0.06
N SER A 145 -14.59 6.67 0.09
N SER A 145 -14.60 6.67 0.07
CA SER A 145 -13.96 7.25 -1.10
CA SER A 145 -13.97 7.23 -1.13
C SER A 145 -12.73 6.42 -1.50
C SER A 145 -12.73 6.42 -1.51
N GLY A 146 -11.96 6.02 -0.49
CA GLY A 146 -10.76 5.21 -0.71
C GLY A 146 -11.12 3.85 -1.23
N LEU A 147 -12.17 3.24 -0.65
CA LEU A 147 -12.54 1.90 -1.03
C LEU A 147 -13.17 1.93 -2.45
N ALA A 148 -13.98 2.92 -2.75
CA ALA A 148 -14.51 3.04 -4.11
C ALA A 148 -13.38 3.22 -5.11
N HIS A 149 -12.37 4.04 -4.76
CA HIS A 149 -11.24 4.21 -5.66
C HIS A 149 -10.48 2.91 -5.88
N LEU A 150 -10.26 2.13 -4.82
CA LEU A 150 -9.67 0.79 -4.97
C LEU A 150 -10.53 -0.06 -5.92
N HIS A 151 -11.83 -0.12 -5.63
CA HIS A 151 -12.75 -1.04 -6.32
C HIS A 151 -13.00 -0.76 -7.80
N ILE A 152 -12.86 0.49 -8.21
CA ILE A 152 -13.23 0.91 -9.56
CA ILE A 152 -13.23 0.91 -9.55
C ILE A 152 -12.11 0.66 -10.56
N GLU A 153 -12.46 0.10 -11.71
CA GLU A 153 -11.49 -0.07 -12.78
C GLU A 153 -11.56 1.17 -13.67
N ILE A 154 -10.42 1.77 -13.97
CA ILE A 154 -10.35 2.95 -14.81
C ILE A 154 -9.52 2.52 -16.00
N PHE A 155 -10.08 2.72 -17.20
CA PHE A 155 -9.43 2.34 -18.44
C PHE A 155 -8.65 3.53 -19.02
N GLY A 156 -7.70 3.24 -19.90
CA GLY A 156 -6.95 4.29 -20.56
C GLY A 156 -5.59 4.45 -19.89
N THR A 157 -4.85 5.47 -20.34
CA THR A 157 -3.43 5.55 -20.02
C THR A 157 -3.23 6.01 -18.57
N GLN A 158 -4.22 6.74 -18.04
CA GLN A 158 -4.18 7.19 -16.65
C GLN A 158 -5.04 6.26 -15.76
N GLY A 159 -5.19 5.00 -16.17
CA GLY A 159 -6.12 4.12 -15.51
C GLY A 159 -5.54 3.28 -14.41
N LYS A 160 -6.35 2.33 -13.94
CA LYS A 160 -5.94 1.36 -12.94
C LYS A 160 -6.84 0.12 -12.99
N PRO A 161 -6.28 -1.04 -12.70
CA PRO A 161 -7.21 -2.15 -12.49
C PRO A 161 -8.04 -1.98 -11.22
N ALA A 162 -9.11 -2.74 -11.15
CA ALA A 162 -9.94 -2.81 -9.97
C ALA A 162 -9.19 -3.61 -8.94
N ILE A 163 -9.34 -3.23 -7.68
CA ILE A 163 -8.64 -3.89 -6.59
C ILE A 163 -9.61 -4.11 -5.44
N ALA A 164 -9.55 -5.30 -4.87
CA ALA A 164 -10.28 -5.62 -3.67
C ALA A 164 -9.24 -5.86 -2.62
N HIS A 165 -9.50 -5.35 -1.42
CA HIS A 165 -8.51 -5.29 -0.35
C HIS A 165 -8.29 -6.59 0.40
N ARG A 166 -9.38 -7.21 0.87
CA ARG A 166 -9.42 -8.54 1.52
C ARG A 166 -9.02 -8.58 2.98
N ASP A 167 -8.72 -7.42 3.56
CA ASP A 167 -8.47 -7.34 4.99
C ASP A 167 -8.80 -5.97 5.52
N LEU A 168 -9.94 -5.45 5.10
CA LEU A 168 -10.39 -4.17 5.59
C LEU A 168 -10.83 -4.26 7.05
N LYS A 169 -10.24 -3.40 7.90
CA LYS A 169 -10.62 -3.28 9.31
C LYS A 169 -10.03 -1.99 9.91
N SER A 170 -10.41 -1.69 11.14
CA SER A 170 -10.06 -0.39 11.73
C SER A 170 -8.58 -0.25 12.02
N LYS A 171 -7.90 -1.38 12.26
CA LYS A 171 -6.44 -1.39 12.36
C LYS A 171 -5.70 -1.17 11.05
N ASN A 172 -6.38 -1.35 9.92
CA ASN A 172 -5.74 -1.22 8.63
C ASN A 172 -6.15 0.08 7.98
N ILE A 173 -6.67 0.99 8.79
CA ILE A 173 -7.03 2.33 8.36
C ILE A 173 -6.31 3.31 9.27
N LEU A 174 -5.72 4.33 8.65
CA LEU A 174 -4.96 5.34 9.37
C LEU A 174 -5.70 6.67 9.37
N VAL A 175 -5.58 7.40 10.48
CA VAL A 175 -6.20 8.70 10.61
C VAL A 175 -5.21 9.78 10.22
N LYS A 176 -5.64 10.64 9.32
CA LYS A 176 -4.85 11.76 8.87
C LYS A 176 -5.21 12.99 9.67
N LYS A 177 -4.27 13.92 9.71
CA LYS A 177 -4.45 15.20 10.41
C LYS A 177 -5.57 16.06 9.87
N ASN A 178 -5.86 15.98 8.58
CA ASN A 178 -6.97 16.76 8.06
C ASN A 178 -8.34 16.15 8.43
N GLY A 179 -8.35 15.07 9.20
CA GLY A 179 -9.62 14.48 9.69
C GLY A 179 -10.16 13.36 8.80
N GLN A 180 -9.55 13.18 7.65
CA GLN A 180 -9.85 12.05 6.80
C GLN A 180 -9.01 10.85 7.20
N CYS A 181 -9.37 9.70 6.65
CA CYS A 181 -8.59 8.49 6.83
C CYS A 181 -8.02 8.04 5.53
N CYS A 182 -7.06 7.14 5.61
CA CYS A 182 -6.61 6.43 4.44
C CYS A 182 -6.48 4.95 4.74
N ILE A 183 -6.72 4.16 3.70
CA ILE A 183 -6.68 2.73 3.80
C ILE A 183 -5.28 2.24 3.53
N ALA A 184 -4.82 1.34 4.39
CA ALA A 184 -3.47 0.77 4.32
C ALA A 184 -3.53 -0.75 4.23
N ASP A 185 -2.36 -1.36 4.08
CA ASP A 185 -2.13 -2.80 4.21
C ASP A 185 -2.77 -3.54 3.06
N LEU A 186 -2.16 -3.36 1.90
CA LEU A 186 -2.61 -3.93 0.67
C LEU A 186 -1.95 -5.27 0.33
N GLY A 187 -1.30 -5.88 1.31
CA GLY A 187 -0.58 -7.15 1.08
C GLY A 187 -1.44 -8.36 0.73
N LEU A 188 -2.75 -8.32 0.96
CA LEU A 188 -3.66 -9.42 0.59
C LEU A 188 -4.51 -9.05 -0.62
N ALA A 189 -4.29 -7.87 -1.19
CA ALA A 189 -5.21 -7.37 -2.21
C ALA A 189 -5.15 -8.18 -3.49
N VAL A 190 -6.23 -8.13 -4.25
CA VAL A 190 -6.28 -8.76 -5.56
C VAL A 190 -6.76 -7.79 -6.62
N MET A 191 -6.30 -8.02 -7.84
CA MET A 191 -6.41 -7.08 -8.94
C MET A 191 -7.24 -7.70 -10.06
N HIS A 192 -8.00 -6.86 -10.74
CA HIS A 192 -8.81 -7.29 -11.86
C HIS A 192 -8.70 -6.26 -12.98
N SER A 193 -8.15 -6.71 -14.11
CA SER A 193 -8.03 -5.85 -15.30
C SER A 193 -8.65 -6.53 -16.51
N GLN A 194 -8.50 -5.85 -17.65
CA GLN A 194 -8.82 -6.41 -18.94
C GLN A 194 -7.86 -7.54 -19.34
N SER A 195 -6.58 -7.43 -18.98
CA SER A 195 -5.61 -8.52 -19.18
C SER A 195 -6.00 -9.71 -18.28
N THR A 196 -7.25 -10.13 -18.41
CA THR A 196 -7.92 -10.97 -17.42
C THR A 196 -7.63 -12.43 -17.66
N ASN A 197 -6.62 -12.93 -16.96
CA ASN A 197 -6.43 -14.36 -16.81
C ASN A 197 -7.32 -14.80 -15.64
N GLN A 198 -6.86 -15.75 -14.83
CA GLN A 198 -7.49 -16.03 -13.55
C GLN A 198 -7.06 -14.95 -12.52
N LEU A 199 -7.89 -14.73 -11.51
CA LEU A 199 -7.49 -13.91 -10.37
CA LEU A 199 -7.51 -13.92 -10.35
C LEU A 199 -6.30 -14.54 -9.65
N ASP A 200 -5.33 -13.71 -9.29
CA ASP A 200 -4.16 -14.20 -8.56
C ASP A 200 -4.41 -14.17 -7.05
N VAL A 201 -4.77 -15.32 -6.49
CA VAL A 201 -4.86 -15.44 -5.02
C VAL A 201 -4.29 -16.78 -4.51
N PRO A 205 -8.19 -18.59 0.35
CA PRO A 205 -9.65 -18.40 0.51
C PRO A 205 -10.03 -17.53 1.75
N ARG A 206 -9.81 -18.09 2.93
CA ARG A 206 -9.96 -17.37 4.19
C ARG A 206 -8.65 -16.69 4.64
N VAL A 207 -8.30 -15.54 4.06
CA VAL A 207 -6.96 -14.96 4.31
C VAL A 207 -6.96 -13.83 5.35
N GLY A 208 -8.09 -13.14 5.47
CA GLY A 208 -8.11 -11.92 6.25
C GLY A 208 -8.19 -12.14 7.76
N THR A 209 -8.71 -11.12 8.44
CA THR A 209 -8.99 -11.17 9.86
C THR A 209 -10.39 -11.76 10.09
N LYS A 210 -10.44 -12.76 10.97
CA LYS A 210 -11.63 -13.63 11.10
C LYS A 210 -12.84 -12.87 11.53
N ARG A 211 -12.67 -11.98 12.49
CA ARG A 211 -13.75 -11.19 13.07
C ARG A 211 -14.48 -10.38 12.01
N TYR A 212 -13.78 -10.02 10.92
CA TYR A 212 -14.37 -9.17 9.86
C TYR A 212 -14.79 -9.98 8.62
N MET A 213 -14.66 -11.31 8.66
CA MET A 213 -14.97 -12.15 7.48
C MET A 213 -16.46 -12.26 7.23
N ALA A 214 -16.85 -11.99 5.98
CA ALA A 214 -18.23 -12.16 5.52
C ALA A 214 -18.67 -13.65 5.59
N PRO A 215 -19.98 -13.91 5.66
CA PRO A 215 -20.51 -15.26 5.75
C PRO A 215 -19.98 -16.17 4.64
N GLU A 216 -19.94 -15.64 3.41
CA GLU A 216 -19.51 -16.42 2.27
C GLU A 216 -18.01 -16.75 2.31
N VAL A 217 -17.24 -16.02 3.11
CA VAL A 217 -15.84 -16.40 3.31
C VAL A 217 -15.82 -17.52 4.33
N LEU A 218 -16.59 -17.33 5.40
CA LEU A 218 -16.63 -18.31 6.48
C LEU A 218 -17.20 -19.69 6.04
N ASP A 219 -18.22 -19.71 5.16
CA ASP A 219 -18.76 -20.98 4.68
CA ASP A 219 -18.81 -20.95 4.64
C ASP A 219 -18.14 -21.39 3.32
N GLU A 220 -17.21 -20.60 2.83
CA GLU A 220 -16.48 -20.88 1.59
C GLU A 220 -17.38 -21.10 0.39
N THR A 221 -18.41 -20.28 0.25
CA THR A 221 -19.23 -20.36 -0.94
C THR A 221 -18.79 -19.34 -2.01
N ILE A 222 -17.79 -18.51 -1.72
CA ILE A 222 -17.41 -17.50 -2.69
C ILE A 222 -16.86 -18.15 -3.94
N GLN A 223 -17.31 -17.67 -5.09
CA GLN A 223 -16.73 -18.11 -6.37
C GLN A 223 -15.36 -17.40 -6.51
N VAL A 224 -14.30 -18.17 -6.33
CA VAL A 224 -12.93 -17.64 -6.17
C VAL A 224 -12.38 -16.92 -7.40
N ASP A 225 -12.96 -17.15 -8.56
CA ASP A 225 -12.54 -16.49 -9.81
C ASP A 225 -13.44 -15.33 -10.20
N CYS A 226 -14.34 -14.90 -9.32
CA CYS A 226 -15.27 -13.82 -9.62
C CYS A 226 -14.83 -12.57 -8.83
N PHE A 227 -14.24 -11.59 -9.51
CA PHE A 227 -13.73 -10.42 -8.83
C PHE A 227 -14.81 -9.70 -8.04
N ASP A 228 -15.97 -9.57 -8.64
CA ASP A 228 -17.06 -8.87 -7.97
C ASP A 228 -17.31 -9.40 -6.59
N SER A 229 -17.17 -10.71 -6.44
CA SER A 229 -17.46 -11.34 -5.16
C SER A 229 -16.52 -10.80 -4.07
N TYR A 230 -15.28 -10.49 -4.44
CA TYR A 230 -14.31 -10.01 -3.45
C TYR A 230 -14.61 -8.58 -3.05
N LYS A 231 -15.12 -7.78 -3.97
CA LYS A 231 -15.57 -6.44 -3.61
C LYS A 231 -16.67 -6.48 -2.54
N ARG A 232 -17.57 -7.45 -2.68
CA ARG A 232 -18.72 -7.54 -1.75
C ARG A 232 -18.31 -8.04 -0.37
N VAL A 233 -17.24 -8.81 -0.31
CA VAL A 233 -16.60 -9.18 0.94
C VAL A 233 -16.04 -7.93 1.64
N ASP A 234 -15.38 -7.02 0.89
CA ASP A 234 -14.87 -5.79 1.47
C ASP A 234 -16.04 -4.94 2.04
N ILE A 235 -17.17 -4.92 1.33
CA ILE A 235 -18.32 -4.12 1.75
C ILE A 235 -18.86 -4.61 3.10
N TRP A 236 -18.87 -5.92 3.32
CA TRP A 236 -19.29 -6.46 4.62
C TRP A 236 -18.38 -5.87 5.71
N ALA A 237 -17.08 -5.97 5.48
CA ALA A 237 -16.12 -5.50 6.47
C ALA A 237 -16.26 -3.98 6.70
N PHE A 238 -16.50 -3.23 5.62
CA PHE A 238 -16.70 -1.78 5.73
CA PHE A 238 -16.70 -1.77 5.73
C PHE A 238 -17.90 -1.46 6.62
N GLY A 239 -18.97 -2.24 6.49
CA GLY A 239 -20.15 -2.05 7.36
C GLY A 239 -19.79 -2.18 8.82
N LEU A 240 -18.98 -3.17 9.14
CA LEU A 240 -18.48 -3.33 10.50
C LEU A 240 -17.65 -2.11 10.95
N VAL A 241 -16.80 -1.59 10.08
CA VAL A 241 -16.01 -0.38 10.42
C VAL A 241 -16.96 0.79 10.69
N LEU A 242 -17.99 0.91 9.87
CA LEU A 242 -18.98 1.96 10.02
CA LEU A 242 -18.98 1.98 10.04
C LEU A 242 -19.61 1.93 11.40
N TRP A 243 -19.98 0.74 11.82
CA TRP A 243 -20.55 0.53 13.14
C TRP A 243 -19.56 0.95 14.23
N GLU A 244 -18.31 0.52 14.12
CA GLU A 244 -17.29 0.88 15.10
C GLU A 244 -17.18 2.40 15.30
N VAL A 245 -17.26 3.13 14.19
CA VAL A 245 -17.07 4.57 14.19
C VAL A 245 -18.34 5.24 14.74
N ALA A 246 -19.51 4.79 14.29
CA ALA A 246 -20.77 5.45 14.67
C ALA A 246 -21.00 5.36 16.18
N ARG A 247 -20.62 4.25 16.78
CA ARG A 247 -20.68 4.13 18.24
C ARG A 247 -20.01 5.28 18.98
N ARG A 248 -18.96 5.83 18.39
CA ARG A 248 -18.16 6.89 19.04
C ARG A 248 -18.60 8.30 18.72
N MET A 249 -19.63 8.44 17.89
CA MET A 249 -20.20 9.75 17.63
C MET A 249 -21.18 10.07 18.72
N VAL A 250 -21.04 11.25 19.32
CA VAL A 250 -21.96 11.68 20.36
C VAL A 250 -23.30 12.15 19.76
N SER A 251 -24.40 11.78 20.40
CA SER A 251 -25.70 12.41 20.11
C SER A 251 -26.44 12.59 21.41
N ASN A 252 -27.06 13.76 21.60
CA ASN A 252 -27.86 14.04 22.82
CA ASN A 252 -27.86 14.03 22.77
C ASN A 252 -27.08 13.70 24.06
N GLY A 253 -25.81 14.08 24.07
CA GLY A 253 -24.95 13.86 25.23
C GLY A 253 -24.47 12.44 25.49
N ILE A 254 -24.84 11.50 24.61
CA ILE A 254 -24.65 10.06 24.82
C ILE A 254 -23.66 9.49 23.80
N VAL A 255 -22.83 8.54 24.24
CA VAL A 255 -21.93 7.85 23.33
C VAL A 255 -21.72 6.41 23.85
N GLU A 256 -21.41 5.46 22.99
CA GLU A 256 -21.00 4.12 23.42
C GLU A 256 -19.48 4.06 23.56
N ASP A 257 -18.99 3.14 24.41
CA ASP A 257 -17.57 2.85 24.49
C ASP A 257 -17.10 2.24 23.18
N TYR A 258 -15.80 2.34 22.88
CA TYR A 258 -15.23 1.55 21.81
C TYR A 258 -15.42 0.05 22.04
N LYS A 259 -15.93 -0.65 21.03
CA LYS A 259 -15.86 -2.12 21.00
C LYS A 259 -15.61 -2.57 19.61
N PRO A 260 -14.88 -3.69 19.47
CA PRO A 260 -14.75 -4.29 18.16
C PRO A 260 -16.04 -5.02 17.80
N PRO A 261 -16.27 -5.25 16.49
CA PRO A 261 -17.46 -5.96 16.02
C PRO A 261 -17.58 -7.34 16.67
N PHE A 262 -18.78 -7.70 17.14
CA PHE A 262 -19.06 -9.01 17.74
C PHE A 262 -18.37 -9.23 19.09
N TYR A 263 -18.03 -8.15 19.77
CA TYR A 263 -17.41 -8.21 21.11
C TYR A 263 -18.22 -9.00 22.13
N ASP A 264 -19.52 -9.02 21.95
CA ASP A 264 -20.42 -9.60 22.92
C ASP A 264 -20.67 -11.09 22.69
N VAL A 265 -20.19 -11.67 21.60
CA VAL A 265 -20.50 -13.07 21.28
C VAL A 265 -19.29 -13.88 20.86
N VAL A 266 -18.12 -13.25 20.71
CA VAL A 266 -16.94 -14.04 20.45
C VAL A 266 -15.82 -13.59 21.36
N PRO A 267 -14.87 -14.48 21.61
CA PRO A 267 -13.78 -14.08 22.46
C PRO A 267 -12.78 -13.27 21.66
N ASN A 268 -11.74 -12.75 22.33
CA ASN A 268 -10.56 -12.20 21.66
CA ASN A 268 -10.61 -12.17 21.63
C ASN A 268 -9.94 -13.27 20.78
N ASP A 269 -9.44 -12.89 19.62
CA ASP A 269 -8.79 -13.84 18.72
C ASP A 269 -9.74 -15.02 18.38
N PRO A 270 -10.89 -14.71 17.80
CA PRO A 270 -11.89 -15.76 17.60
C PRO A 270 -11.48 -16.78 16.55
N SER A 271 -11.95 -18.02 16.72
CA SER A 271 -11.72 -19.08 15.73
C SER A 271 -12.66 -18.94 14.54
N PHE A 272 -12.36 -19.62 13.44
CA PHE A 272 -13.34 -19.79 12.34
C PHE A 272 -14.69 -20.26 12.88
N GLU A 273 -14.67 -21.26 13.76
CA GLU A 273 -15.88 -21.87 14.24
C GLU A 273 -16.67 -20.85 15.04
N ASP A 274 -15.98 -20.06 15.86
CA ASP A 274 -16.64 -18.98 16.63
C ASP A 274 -17.42 -18.05 15.70
N MET A 275 -16.75 -17.61 14.65
CA MET A 275 -17.30 -16.61 13.72
C MET A 275 -18.43 -17.21 12.87
N ARG A 276 -18.20 -18.43 12.39
CA ARG A 276 -19.17 -19.15 11.53
C ARG A 276 -20.45 -19.33 12.29
N LYS A 277 -20.33 -19.67 13.56
CA LYS A 277 -21.53 -19.91 14.36
C LYS A 277 -22.33 -18.62 14.57
N VAL A 278 -21.62 -17.52 14.84
CA VAL A 278 -22.28 -16.22 15.02
C VAL A 278 -22.91 -15.70 13.73
N VAL A 279 -22.12 -15.73 12.67
CA VAL A 279 -22.41 -14.96 11.47
C VAL A 279 -23.24 -15.78 10.48
N CYS A 280 -22.84 -17.03 10.29
CA CYS A 280 -23.53 -17.93 9.35
C CYS A 280 -24.71 -18.66 9.96
N VAL A 281 -24.47 -19.42 11.04
CA VAL A 281 -25.51 -20.29 11.65
C VAL A 281 -26.57 -19.47 12.36
N ASP A 282 -26.17 -18.52 13.21
CA ASP A 282 -27.13 -17.70 13.97
C ASP A 282 -27.52 -16.42 13.24
N GLN A 283 -26.85 -16.12 12.13
CA GLN A 283 -27.17 -14.93 11.33
C GLN A 283 -27.17 -13.64 12.15
N GLN A 284 -26.24 -13.53 13.08
CA GLN A 284 -26.20 -12.35 13.94
C GLN A 284 -25.51 -11.17 13.24
N ARG A 285 -25.90 -9.97 13.65
CA ARG A 285 -25.29 -8.74 13.18
C ARG A 285 -25.13 -7.83 14.37
N PRO A 286 -24.16 -6.89 14.31
CA PRO A 286 -23.99 -5.96 15.41
C PRO A 286 -25.30 -5.24 15.73
N ASN A 287 -25.58 -5.05 17.01
CA ASN A 287 -26.78 -4.36 17.45
C ASN A 287 -26.69 -2.85 17.27
N ILE A 288 -27.79 -2.24 16.85
CA ILE A 288 -27.90 -0.79 16.75
C ILE A 288 -28.41 -0.23 18.08
N PRO A 289 -27.61 0.59 18.76
CA PRO A 289 -28.08 1.20 20.01
C PRO A 289 -29.34 2.06 19.82
N ASN A 290 -30.29 1.98 20.75
CA ASN A 290 -31.55 2.72 20.63
C ASN A 290 -31.37 4.21 20.46
N ARG A 291 -30.45 4.79 21.22
CA ARG A 291 -30.17 6.22 21.11
C ARG A 291 -29.86 6.69 19.67
N TRP A 292 -29.39 5.81 18.78
CA TRP A 292 -29.14 6.23 17.41
C TRP A 292 -30.43 6.64 16.68
N PHE A 293 -31.57 6.07 17.08
CA PHE A 293 -32.80 6.37 16.34
C PHE A 293 -33.38 7.76 16.64
N SER A 294 -32.86 8.43 17.66
CA SER A 294 -33.22 9.83 17.91
C SER A 294 -32.32 10.80 17.18
N ASP A 295 -31.39 10.31 16.35
CA ASP A 295 -30.48 11.21 15.65
C ASP A 295 -30.51 10.94 14.14
N PRO A 296 -30.76 11.98 13.34
CA PRO A 296 -30.93 11.77 11.91
C PRO A 296 -29.68 11.19 11.24
N THR A 297 -28.48 11.61 11.64
CA THR A 297 -27.25 11.07 11.05
C THR A 297 -27.05 9.59 11.39
N LEU A 298 -27.21 9.23 12.66
CA LEU A 298 -26.96 7.85 13.07
C LEU A 298 -28.05 6.91 12.54
N THR A 299 -29.26 7.44 12.40
CA THR A 299 -30.34 6.72 11.78
C THR A 299 -29.97 6.38 10.33
N SER A 300 -29.51 7.37 9.56
CA SER A 300 -29.05 7.09 8.21
C SER A 300 -27.84 6.14 8.18
N LEU A 301 -26.92 6.28 9.12
CA LEU A 301 -25.76 5.36 9.14
C LEU A 301 -26.17 3.93 9.47
N ALA A 302 -27.16 3.79 10.34
CA ALA A 302 -27.62 2.46 10.73
C ALA A 302 -28.23 1.75 9.52
N LYS A 303 -28.98 2.49 8.74
CA LYS A 303 -29.56 1.96 7.53
C LYS A 303 -28.46 1.51 6.54
N LEU A 304 -27.44 2.35 6.41
CA LEU A 304 -26.35 2.08 5.50
C LEU A 304 -25.58 0.82 5.92
N MET A 305 -25.23 0.71 7.19
CA MET A 305 -24.61 -0.48 7.75
C MET A 305 -25.35 -1.75 7.37
N LYS A 306 -26.63 -1.71 7.63
CA LYS A 306 -27.48 -2.86 7.43
C LYS A 306 -27.43 -3.28 5.97
N GLU A 307 -27.27 -2.33 5.07
CA GLU A 307 -27.21 -2.65 3.65
C GLU A 307 -25.84 -3.14 3.17
N CYS A 308 -24.86 -3.19 4.08
CA CYS A 308 -23.59 -3.89 3.85
C CYS A 308 -23.58 -5.30 4.41
N TRP A 309 -24.58 -5.66 5.20
CA TRP A 309 -24.54 -6.91 5.95
C TRP A 309 -25.55 -7.95 5.51
N TYR A 310 -26.18 -7.76 4.36
CA TYR A 310 -27.09 -8.78 3.86
C TYR A 310 -26.35 -10.08 3.70
N GLN A 311 -27.01 -11.18 4.03
CA GLN A 311 -26.40 -12.50 3.88
C GLN A 311 -26.09 -12.74 2.41
N ASN A 312 -27.02 -12.33 1.55
CA ASN A 312 -26.82 -12.44 0.13
C ASN A 312 -25.92 -11.29 -0.34
N PRO A 313 -24.69 -11.60 -0.72
CA PRO A 313 -23.75 -10.57 -1.14
C PRO A 313 -24.27 -9.69 -2.26
N SER A 314 -25.06 -10.27 -3.17
N SER A 314 -25.05 -10.26 -3.17
CA SER A 314 -25.59 -9.54 -4.34
CA SER A 314 -25.54 -9.53 -4.35
C SER A 314 -26.47 -8.35 -3.98
C SER A 314 -26.48 -8.36 -3.99
N ALA A 315 -27.00 -8.33 -2.76
CA ALA A 315 -27.86 -7.23 -2.31
C ALA A 315 -27.09 -6.10 -1.65
N ARG A 316 -25.83 -6.32 -1.34
CA ARG A 316 -25.07 -5.27 -0.66
C ARG A 316 -24.78 -4.08 -1.57
N LEU A 317 -24.77 -2.88 -0.99
CA LEU A 317 -24.43 -1.69 -1.76
C LEU A 317 -22.99 -1.69 -2.21
N THR A 318 -22.73 -1.00 -3.32
CA THR A 318 -21.39 -0.79 -3.79
C THR A 318 -20.69 0.32 -2.99
N ALA A 319 -19.37 0.33 -3.03
CA ALA A 319 -18.60 1.35 -2.32
C ALA A 319 -18.98 2.75 -2.84
N LEU A 320 -19.11 2.85 -4.15
CA LEU A 320 -19.50 4.09 -4.79
C LEU A 320 -20.89 4.56 -4.35
N ARG A 321 -21.84 3.63 -4.22
CA ARG A 321 -23.16 4.02 -3.74
C ARG A 321 -23.09 4.52 -2.31
N ILE A 322 -22.30 3.83 -1.49
CA ILE A 322 -22.11 4.27 -0.08
C ILE A 322 -21.50 5.69 -0.03
N LYS A 323 -20.46 5.90 -0.81
CA LYS A 323 -19.86 7.21 -0.93
C LYS A 323 -20.87 8.29 -1.30
N LYS A 324 -21.65 8.07 -2.36
CA LYS A 324 -22.66 9.06 -2.78
C LYS A 324 -23.70 9.28 -1.71
N THR A 325 -24.13 8.22 -1.05
CA THR A 325 -25.10 8.40 0.05
C THR A 325 -24.49 9.20 1.20
N LEU A 326 -23.26 8.88 1.57
CA LEU A 326 -22.60 9.59 2.67
C LEU A 326 -22.36 11.06 2.31
N THR A 327 -22.14 11.33 1.02
CA THR A 327 -21.97 12.68 0.53
C THR A 327 -23.25 13.53 0.75
N LYS A 328 -24.44 12.93 0.66
CA LYS A 328 -25.71 13.66 0.87
C LYS A 328 -26.15 13.81 2.35
N ILE A 329 -25.74 12.91 3.23
CA ILE A 329 -25.97 13.03 4.68
C ILE A 329 -25.14 14.17 5.30
N ASP A 330 -23.95 14.39 4.71
CA ASP A 330 -22.90 15.30 5.21
C ASP A 330 -23.30 16.78 5.21
N MET B 1 32.88 -10.63 -12.49
CA MET B 1 32.29 -9.61 -11.56
C MET B 1 30.82 -9.31 -11.88
N GLY B 2 30.25 -10.00 -12.87
CA GLY B 2 28.89 -9.75 -13.27
C GLY B 2 28.58 -8.39 -13.90
N VAL B 3 29.60 -7.53 -14.09
CA VAL B 3 29.42 -6.22 -14.75
C VAL B 3 30.30 -6.10 -15.96
N GLU B 4 29.68 -6.16 -17.14
CA GLU B 4 30.41 -5.87 -18.38
C GLU B 4 30.00 -4.49 -18.94
N ILE B 5 31.00 -3.77 -19.41
CA ILE B 5 30.84 -2.41 -19.88
CA ILE B 5 30.82 -2.41 -19.88
C ILE B 5 31.19 -2.32 -21.35
N GLU B 6 30.29 -1.75 -22.14
CA GLU B 6 30.49 -1.57 -23.56
C GLU B 6 30.37 -0.07 -23.85
N THR B 7 31.48 0.57 -24.20
CA THR B 7 31.45 2.02 -24.42
C THR B 7 30.56 2.33 -25.60
N ILE B 8 29.83 3.42 -25.50
CA ILE B 8 29.05 3.91 -26.61
C ILE B 8 29.72 5.18 -27.15
N SER B 9 30.13 6.07 -26.26
CA SER B 9 30.90 7.26 -26.62
C SER B 9 31.83 7.62 -25.47
N PRO B 10 33.04 8.11 -25.77
CA PRO B 10 34.02 8.26 -24.72
C PRO B 10 33.75 9.44 -23.78
N GLY B 11 34.33 9.39 -22.59
CA GLY B 11 34.36 10.49 -21.66
C GLY B 11 35.72 11.12 -21.78
N ASP B 12 36.10 11.91 -20.79
CA ASP B 12 37.32 12.66 -20.91
C ASP B 12 38.54 11.76 -20.72
N GLY B 13 38.33 10.48 -20.39
CA GLY B 13 39.40 9.48 -20.17
C GLY B 13 40.35 9.86 -19.05
N ARG B 14 39.89 10.69 -18.12
CA ARG B 14 40.75 11.20 -17.07
C ARG B 14 40.04 11.31 -15.72
N THR B 15 38.77 11.77 -15.70
CA THR B 15 38.06 12.03 -14.46
C THR B 15 37.08 10.87 -14.19
N PHE B 16 37.40 10.08 -13.15
CA PHE B 16 36.61 8.92 -12.72
C PHE B 16 36.09 9.15 -11.33
N PRO B 17 34.92 8.54 -11.01
CA PRO B 17 34.32 8.76 -9.71
C PRO B 17 35.18 8.33 -8.52
N LYS B 18 35.22 9.17 -7.49
CA LYS B 18 36.02 8.97 -6.30
C LYS B 18 35.09 8.87 -5.12
N LYS B 19 35.59 8.23 -4.07
CA LYS B 19 34.83 8.04 -2.86
C LYS B 19 34.18 9.32 -2.39
N GLY B 20 32.90 9.26 -2.01
CA GLY B 20 32.22 10.42 -1.45
C GLY B 20 31.69 11.43 -2.51
N GLN B 21 32.15 11.35 -3.75
CA GLN B 21 31.59 12.15 -4.83
C GLN B 21 30.14 11.77 -5.18
N THR B 22 29.38 12.77 -5.60
CA THR B 22 28.06 12.55 -6.10
C THR B 22 28.16 12.37 -7.58
N CYS B 23 27.73 11.19 -8.01
CA CYS B 23 27.62 10.89 -9.46
CA CYS B 23 27.63 10.84 -9.40
C CYS B 23 26.29 11.34 -9.94
N VAL B 24 26.30 12.06 -11.07
CA VAL B 24 25.10 12.58 -11.71
C VAL B 24 25.01 11.87 -13.07
N VAL B 25 23.98 11.04 -13.25
CA VAL B 25 23.85 10.27 -14.45
C VAL B 25 22.46 10.36 -15.06
N HIS B 26 22.38 10.09 -16.35
CA HIS B 26 21.13 9.63 -16.95
C HIS B 26 21.29 8.14 -17.18
N TYR B 27 20.21 7.41 -16.98
CA TYR B 27 20.20 5.98 -17.25
C TYR B 27 18.86 5.58 -17.84
N THR B 28 18.90 4.56 -18.69
CA THR B 28 17.71 3.83 -19.09
C THR B 28 17.99 2.38 -18.78
N GLY B 29 17.13 1.77 -17.99
CA GLY B 29 17.29 0.39 -17.58
C GLY B 29 16.34 -0.54 -18.32
N MET B 30 16.87 -1.66 -18.82
CA MET B 30 16.07 -2.65 -19.52
C MET B 30 16.34 -4.05 -19.00
N LEU B 31 15.34 -4.92 -19.16
CA LEU B 31 15.55 -6.37 -18.99
C LEU B 31 16.30 -6.91 -20.21
N GLN B 32 16.83 -8.11 -20.10
CA GLN B 32 17.48 -8.77 -21.24
C GLN B 32 16.65 -8.86 -22.52
N ASN B 33 15.33 -8.94 -22.39
CA ASN B 33 14.46 -8.98 -23.57
C ASN B 33 14.23 -7.59 -24.18
N GLY B 34 14.92 -6.57 -23.67
CA GLY B 34 14.79 -5.21 -24.19
C GLY B 34 13.69 -4.36 -23.56
N LYS B 35 12.87 -4.95 -22.69
CA LYS B 35 11.77 -4.19 -22.10
C LYS B 35 12.36 -3.19 -21.10
N LYS B 36 12.00 -1.93 -21.27
CA LYS B 36 12.47 -0.86 -20.41
C LYS B 36 11.70 -0.96 -19.11
N PHE B 37 12.38 -0.85 -17.97
CA PHE B 37 11.71 -0.84 -16.69
C PHE B 37 11.86 0.49 -15.93
N ASP B 38 12.83 1.34 -16.28
CA ASP B 38 13.06 2.61 -15.55
C ASP B 38 13.97 3.48 -16.43
N SER B 39 13.71 4.77 -16.43
CA SER B 39 14.47 5.70 -17.24
C SER B 39 14.48 7.11 -16.67
N SER B 40 15.64 7.61 -16.27
CA SER B 40 15.73 9.01 -15.80
C SER B 40 15.52 9.96 -17.00
N ARG B 41 15.78 9.46 -18.19
CA ARG B 41 15.68 10.29 -19.39
C ARG B 41 14.22 10.63 -19.65
N ASP B 42 13.36 9.61 -19.59
CA ASP B 42 11.92 9.81 -19.70
C ASP B 42 11.36 10.83 -18.70
N ARG B 43 11.91 10.90 -17.48
CA ARG B 43 11.47 11.94 -16.56
C ARG B 43 12.24 13.22 -16.60
N ASN B 44 13.19 13.34 -17.52
CA ASN B 44 14.03 14.52 -17.62
C ASN B 44 14.62 14.98 -16.30
N LYS B 45 15.04 14.05 -15.49
CA LYS B 45 15.66 14.38 -14.21
C LYS B 45 16.87 13.47 -13.95
N PRO B 46 18.08 14.02 -14.02
CA PRO B 46 19.24 13.17 -13.69
C PRO B 46 19.14 12.51 -12.31
N PHE B 47 19.70 11.30 -12.23
CA PHE B 47 19.83 10.52 -10.99
C PHE B 47 21.20 10.77 -10.33
N LYS B 48 21.18 10.92 -9.02
CA LYS B 48 22.36 11.18 -8.24
C LYS B 48 22.54 10.15 -7.16
N PHE B 49 23.77 9.69 -6.99
CA PHE B 49 24.12 8.74 -5.94
C PHE B 49 25.57 8.95 -5.52
N ARG B 50 25.85 8.71 -4.24
CA ARG B 50 27.17 9.00 -3.66
C ARG B 50 28.04 7.75 -3.73
N ILE B 51 29.24 7.89 -4.29
CA ILE B 51 30.15 6.76 -4.39
C ILE B 51 30.50 6.25 -2.98
N GLY B 52 30.35 4.93 -2.78
CA GLY B 52 30.73 4.29 -1.50
C GLY B 52 29.64 4.29 -0.44
N LYS B 53 28.45 4.81 -0.76
CA LYS B 53 27.39 4.88 0.23
C LYS B 53 26.34 3.80 0.02
N GLN B 54 26.57 2.91 -0.92
CA GLN B 54 25.69 1.78 -1.20
C GLN B 54 24.25 2.22 -1.51
N GLU B 55 24.14 3.27 -2.31
CA GLU B 55 22.85 3.92 -2.57
C GLU B 55 22.27 3.46 -3.87
N VAL B 56 22.92 2.48 -4.47
CA VAL B 56 22.50 1.91 -5.73
C VAL B 56 23.00 0.45 -5.77
N ILE B 57 22.32 -0.41 -6.49
CA ILE B 57 22.83 -1.78 -6.69
C ILE B 57 24.30 -1.83 -7.12
N LYS B 58 24.99 -2.79 -6.54
CA LYS B 58 26.43 -2.92 -6.68
C LYS B 58 26.89 -2.85 -8.13
N GLY B 59 26.20 -3.56 -9.01
CA GLY B 59 26.61 -3.58 -10.42
C GLY B 59 26.61 -2.21 -11.08
N PHE B 60 25.60 -1.40 -10.75
CA PHE B 60 25.44 -0.09 -11.37
C PHE B 60 26.58 0.81 -10.95
N GLU B 61 26.91 0.82 -9.66
CA GLU B 61 27.99 1.61 -9.11
C GLU B 61 29.36 1.16 -9.62
N GLU B 62 29.54 -0.15 -9.76
CA GLU B 62 30.80 -0.68 -10.24
C GLU B 62 31.08 -0.31 -11.67
N GLY B 63 30.04 -0.37 -12.49
CA GLY B 63 30.13 0.08 -13.87
C GLY B 63 30.38 1.58 -13.96
N ALA B 64 29.57 2.37 -13.26
CA ALA B 64 29.76 3.83 -13.26
C ALA B 64 31.16 4.22 -12.79
N ALA B 65 31.72 3.50 -11.81
CA ALA B 65 33.01 3.86 -11.25
C ALA B 65 34.16 3.67 -12.25
N GLN B 66 33.90 2.86 -13.27
CA GLN B 66 34.82 2.65 -14.37
C GLN B 66 34.65 3.67 -15.51
N MET B 67 33.58 4.45 -15.48
CA MET B 67 33.34 5.44 -16.53
C MET B 67 34.02 6.76 -16.20
N SER B 68 34.49 7.44 -17.22
CA SER B 68 35.02 8.80 -17.04
C SER B 68 33.96 9.86 -17.37
N LEU B 69 34.17 11.06 -16.89
CA LEU B 69 33.20 12.13 -17.03
C LEU B 69 32.76 12.37 -18.49
N GLY B 70 31.44 12.33 -18.73
CA GLY B 70 30.89 12.51 -20.06
C GLY B 70 30.73 11.25 -20.86
N GLN B 71 31.26 10.14 -20.35
CA GLN B 71 31.19 8.88 -21.07
C GLN B 71 29.77 8.36 -21.07
N ARG B 72 29.43 7.62 -22.11
CA ARG B 72 28.18 6.94 -22.14
C ARG B 72 28.50 5.48 -22.45
N ALA B 73 27.82 4.57 -21.76
CA ALA B 73 28.16 3.16 -21.86
C ALA B 73 26.99 2.28 -21.49
N LYS B 74 27.05 1.06 -22.00
CA LYS B 74 26.09 0.02 -21.70
C LYS B 74 26.66 -0.83 -20.58
N LEU B 75 25.95 -0.88 -19.45
CA LEU B 75 26.32 -1.74 -18.32
C LEU B 75 25.38 -2.93 -18.26
N THR B 76 25.94 -4.13 -18.35
CA THR B 76 25.17 -5.35 -18.19
C THR B 76 25.47 -5.91 -16.80
N CYS B 77 24.43 -6.09 -15.99
CA CYS B 77 24.55 -6.48 -14.59
C CYS B 77 23.86 -7.81 -14.37
N THR B 78 24.61 -8.81 -13.93
CA THR B 78 24.04 -10.12 -13.59
C THR B 78 23.28 -9.98 -12.29
N PRO B 79 22.36 -10.91 -12.03
CA PRO B 79 21.50 -10.77 -10.84
C PRO B 79 22.24 -10.70 -9.53
N ASP B 80 23.42 -11.30 -9.46
CA ASP B 80 24.15 -11.34 -8.20
C ASP B 80 24.74 -9.96 -7.84
N VAL B 81 24.85 -9.05 -8.81
CA VAL B 81 25.15 -7.64 -8.48
C VAL B 81 23.98 -6.69 -8.78
N ALA B 82 22.76 -7.24 -8.86
CA ALA B 82 21.57 -6.45 -9.02
C ALA B 82 20.51 -6.88 -7.99
N TYR B 83 19.37 -7.39 -8.41
CA TYR B 83 18.27 -7.71 -7.45
C TYR B 83 18.12 -9.23 -7.11
N GLY B 84 19.07 -10.06 -7.53
CA GLY B 84 19.15 -11.45 -7.05
C GLY B 84 17.97 -12.35 -7.39
N ALA B 85 17.68 -13.31 -6.52
CA ALA B 85 16.61 -14.28 -6.76
C ALA B 85 15.24 -13.68 -6.50
N THR B 86 15.12 -12.79 -5.54
CA THR B 86 13.84 -12.12 -5.28
C THR B 86 13.40 -11.20 -6.42
N GLY B 87 14.35 -10.43 -6.96
CA GLY B 87 14.02 -9.37 -7.89
C GLY B 87 13.48 -8.16 -7.14
N HIS B 88 12.70 -7.35 -7.85
CA HIS B 88 11.98 -6.25 -7.24
C HIS B 88 10.52 -6.34 -7.68
N PRO B 89 9.61 -6.66 -6.75
CA PRO B 89 8.26 -7.02 -7.18
C PRO B 89 7.58 -5.99 -8.02
N GLY B 90 7.02 -6.44 -9.13
CA GLY B 90 6.34 -5.60 -10.08
C GLY B 90 7.24 -4.87 -11.07
N VAL B 91 8.54 -5.09 -11.00
CA VAL B 91 9.48 -4.36 -11.84
C VAL B 91 10.57 -5.28 -12.42
N ILE B 92 11.30 -5.97 -11.55
CA ILE B 92 12.38 -6.82 -11.94
C ILE B 92 12.05 -8.23 -11.53
N PRO B 93 12.05 -9.16 -12.48
CA PRO B 93 11.80 -10.55 -12.09
C PRO B 93 12.99 -11.20 -11.38
N PRO B 94 12.77 -12.39 -10.82
CA PRO B 94 13.82 -13.19 -10.22
C PRO B 94 14.93 -13.47 -11.20
N ASN B 95 16.16 -13.49 -10.70
CA ASN B 95 17.33 -13.80 -11.53
C ASN B 95 17.45 -13.04 -12.83
N ALA B 96 17.08 -11.76 -12.80
CA ALA B 96 17.18 -10.96 -13.99
C ALA B 96 18.57 -10.35 -14.16
N THR B 97 19.12 -10.51 -15.36
CA THR B 97 20.25 -9.70 -15.83
C THR B 97 19.66 -8.42 -16.42
N LEU B 98 20.22 -7.29 -16.05
CA LEU B 98 19.72 -5.97 -16.43
C LEU B 98 20.73 -5.25 -17.30
N ILE B 99 20.24 -4.51 -18.28
CA ILE B 99 21.07 -3.65 -19.13
C ILE B 99 20.72 -2.21 -18.81
N PHE B 100 21.73 -1.39 -18.50
CA PHE B 100 21.55 0.05 -18.29
C PHE B 100 22.35 0.81 -19.33
N ASP B 101 21.70 1.74 -20.02
CA ASP B 101 22.38 2.66 -20.91
C ASP B 101 22.64 3.87 -20.04
N VAL B 102 23.91 4.16 -19.71
CA VAL B 102 24.19 5.16 -18.70
C VAL B 102 25.05 6.25 -19.28
N GLU B 103 24.78 7.49 -18.90
CA GLU B 103 25.63 8.58 -19.28
C GLU B 103 26.09 9.23 -18.00
N LEU B 104 27.38 9.41 -17.84
CA LEU B 104 27.91 10.08 -16.65
C LEU B 104 27.99 11.57 -16.92
N LEU B 105 27.00 12.29 -16.43
CA LEU B 105 26.85 13.71 -16.77
C LEU B 105 27.76 14.60 -16.02
N ASN B 106 27.98 14.28 -14.75
CA ASN B 106 28.82 15.08 -13.91
C ASN B 106 29.25 14.36 -12.64
N LEU B 107 30.28 14.92 -11.98
CA LEU B 107 30.74 14.53 -10.66
C LEU B 107 30.83 15.76 -9.76
N GLU B 108 30.16 15.77 -8.61
CA GLU B 108 30.06 16.95 -7.71
C GLU B 108 30.64 16.67 -6.33
CAC FLC C . -14.62 10.95 -9.94
CA FLC C . -14.33 9.47 -9.76
CB FLC C . -15.24 8.69 -8.77
CBC FLC C . -15.39 9.43 -7.53
CG FLC C . -14.62 7.34 -8.29
CGC FLC C . -13.06 7.27 -8.21
OA1 FLC C . -14.40 11.42 -11.08
OA2 FLC C . -15.04 11.69 -9.00
OB1 FLC C . -14.26 9.84 -7.11
OB2 FLC C . -16.61 9.53 -7.10
OG1 FLC C . -12.41 7.26 -7.12
OG2 FLC C . -12.40 7.20 -9.26
OHB FLC C . -16.67 8.75 -9.12
CAC FLC D . -8.85 -0.03 -22.56
CA FLC D . -10.22 -0.42 -23.10
CB FLC D . -10.20 -0.85 -24.57
CBC FLC D . -11.65 -1.25 -24.85
CG FLC D . -9.20 -1.96 -24.88
CGC FLC D . -9.25 -2.43 -26.32
OA1 FLC D . -8.49 1.17 -22.59
OA2 FLC D . -8.15 -0.91 -22.07
OB1 FLC D . -12.08 -2.39 -24.53
OB2 FLC D . -12.39 -0.38 -25.38
OG1 FLC D . -9.99 -1.87 -27.15
OG2 FLC D . -8.52 -3.40 -26.63
OHB FLC D . -9.79 0.29 -25.38
CAC FLC E . 0.01 13.33 9.48
CA FLC E . 0.55 14.55 8.75
CB FLC E . 0.33 14.64 7.22
CBC FLC E . -0.89 13.97 6.51
CG FLC E . 1.45 15.17 6.28
CGC FLC E . 2.11 16.44 6.76
OA1 FLC E . -1.11 12.80 9.14
OA2 FLC E . 0.75 12.93 10.43
OB1 FLC E . -1.72 13.35 7.22
OB2 FLC E . -1.12 14.05 5.26
OG1 FLC E . 2.86 17.05 5.96
OG2 FLC E . 1.94 16.85 7.93
OHB FLC E . 1.06 13.38 7.32
CAC FLC F . -1.70 9.55 2.50
CA FLC F . -2.13 9.51 1.06
CB FLC F . -1.28 10.44 0.22
CBC FLC F . -1.62 11.87 0.53
CG FLC F . -1.56 10.25 -1.25
CGC FLC F . -0.74 11.22 -2.11
OA1 FLC F . -1.03 8.62 2.99
OA2 FLC F . -2.05 10.55 3.16
OB1 FLC F . -2.81 12.22 0.34
OB2 FLC F . -0.70 12.62 0.93
OG1 FLC F . -0.90 11.19 -3.34
OG2 FLC F . 0.07 12.02 -1.60
OHB FLC F . 0.11 10.24 0.58
CAC FLC G . -7.14 -7.66 14.99
CA FLC G . -6.78 -7.77 16.47
CB FLC G . -7.22 -9.08 17.20
CBC FLC G . -6.84 -9.25 18.65
CG FLC G . -7.89 -10.27 16.49
CGC FLC G . -9.35 -10.21 16.91
OA1 FLC G . -6.39 -8.25 14.20
OA2 FLC G . -8.13 -6.98 14.60
OB1 FLC G . -6.72 -10.43 19.10
OB2 FLC G . -6.67 -8.22 19.35
OG1 FLC G . -10.18 -9.87 16.05
OG2 FLC G . -9.68 -10.45 18.10
OHB FLC G . -5.95 -9.66 16.84
CAC FLC H . -23.74 3.42 -7.99
CA FLC H . -22.53 3.49 -8.90
CB FLC H . -22.92 3.45 -10.38
CBC FLC H . -23.82 2.25 -10.60
CG FLC H . -21.69 3.33 -11.30
CGC FLC H . -21.71 4.31 -12.44
OA1 FLC H . -24.04 2.28 -7.52
OA2 FLC H . -24.38 4.49 -7.78
OB1 FLC H . -23.35 1.05 -10.55
OB2 FLC H . -25.02 2.55 -10.82
OG1 FLC H . -22.70 4.32 -13.19
OG2 FLC H . -20.72 5.08 -12.57
OHB FLC H . -23.64 4.68 -10.66
CAC FLC I . -17.77 0.44 -6.97
CA FLC I . -18.34 -0.76 -7.73
CB FLC I . -19.09 -0.32 -9.03
CBC FLC I . -20.18 -1.29 -9.42
CG FLC I . -18.10 -0.26 -10.21
CGC FLC I . -18.40 0.79 -11.26
OA1 FLC I . -16.71 0.94 -7.38
OA2 FLC I . -18.35 0.91 -5.97
OB1 FLC I . -21.15 -0.78 -10.05
OB2 FLC I . -20.10 -2.51 -9.12
OG1 FLC I . -19.53 1.34 -11.31
OG2 FLC I . -17.49 1.07 -12.07
OHB FLC I . -19.82 0.92 -8.81
C7 TAK J . 1.89 8.10 18.70
O1 TAK J . 1.50 6.78 18.43
C8 TAK J . 1.56 6.31 17.06
C9 TAK J . 2.26 6.98 16.03
C10 TAK J . 2.26 6.49 14.73
C11 TAK J . 0.89 5.16 16.73
C12 TAK J . 0.89 4.67 15.43
C13 TAK J . 1.56 5.33 14.39
C14 TAK J . 1.58 4.81 13.03
C15 TAK J . 1.82 5.63 11.94
C16 TAK J . 1.40 3.45 12.76
N2 TAK J . 1.45 2.95 11.50
C17 TAK J . 1.69 3.81 10.42
N3 TAK J . 1.84 5.09 10.65
N4 TAK J . 2.06 5.76 9.47
C18 TAK J . 2.03 4.82 8.48
C19 TAK J . 1.80 3.56 9.03
C20 TAK J . 1.70 2.37 8.29
C21 TAK J . 2.53 2.19 7.19
C22 TAK J . 2.47 1.05 6.42
N5 TAK J . 1.59 0.10 6.74
C23 TAK J . 0.77 0.22 7.79
C24 TAK J . 0.81 1.36 8.58
C1 EDO K . -25.12 -9.22 18.17
O1 EDO K . -25.13 -9.49 19.58
C2 EDO K . -23.74 -9.60 17.64
O2 EDO K . -22.75 -8.70 18.14
C1 EDO L . -21.67 -12.42 -5.12
O1 EDO L . -23.07 -12.61 -4.88
C2 EDO L . -21.52 -11.48 -6.31
O2 EDO L . -20.26 -11.58 -7.00
C1 EDO M . -4.02 15.75 2.35
O1 EDO M . -2.80 15.19 2.87
C2 EDO M . -3.93 15.98 0.83
O2 EDO M . -3.75 14.73 0.14
C1 EDO N . -26.11 17.18 14.67
O1 EDO N . -25.54 15.86 14.69
C2 EDO N . -26.73 17.48 16.05
O2 EDO N . -27.57 18.63 15.92
C1 EDO O . -29.31 -5.73 11.51
O1 EDO O . -28.73 -6.09 10.25
C2 EDO O . -28.33 -4.90 12.37
O2 EDO O . -28.52 -5.08 13.78
C1 EDO P . 3.79 10.32 0.53
O1 EDO P . 4.25 11.56 1.09
C2 EDO P . 2.92 10.62 -0.68
O2 EDO P . 2.89 9.49 -1.57
C1 EDO Q . 23.58 -4.22 -1.41
O1 EDO Q . 22.44 -4.84 -0.78
C2 EDO Q . 24.34 -3.35 -0.42
O2 EDO Q . 24.04 -3.76 0.92
C1 EDO R . 13.34 10.02 18.62
O1 EDO R . 12.23 9.34 19.21
C2 EDO R . 14.60 9.16 18.60
O2 EDO R . 15.23 9.13 19.88
C1 EDO S . 6.27 13.92 15.02
O1 EDO S . 5.08 13.13 14.90
C2 EDO S . 6.00 15.33 14.52
O2 EDO S . 7.09 15.57 13.63
CAC FLC T . 17.19 -13.59 -1.76
CA FLC T . 17.64 -12.13 -1.66
CB FLC T . 18.24 -11.61 -2.98
CBC FLC T . 19.56 -12.36 -3.18
CG FLC T . 18.34 -10.04 -2.97
CGC FLC T . 19.58 -9.29 -3.44
OA1 FLC T . 17.52 -14.38 -0.85
OA2 FLC T . 16.48 -13.97 -2.72
OB1 FLC T . 20.50 -12.16 -2.37
OB2 FLC T . 19.64 -13.21 -4.11
OG1 FLC T . 20.08 -9.43 -4.59
OG2 FLC T . 20.08 -8.46 -2.64
OHB FLC T . 17.25 -11.92 -3.99
C1 EDO U . 13.34 -11.72 -19.53
O1 EDO U . 14.22 -10.74 -20.11
C2 EDO U . 12.65 -11.22 -18.26
O2 EDO U . 11.32 -10.76 -18.57
C1 EDO V . 18.91 11.42 -4.78
O1 EDO V . 18.16 11.24 -3.54
C2 EDO V . 18.38 10.60 -6.00
O2 EDO V . 18.47 11.28 -7.30
C1 EDO W . 36.53 5.66 -20.83
O1 EDO W . 37.08 6.53 -19.80
C2 EDO W . 35.96 6.36 -22.09
O2 EDO W . 36.68 7.55 -22.40
C1 EDO X . 33.48 3.20 -3.43
O1 EDO X . 34.03 2.93 -2.13
C2 EDO X . 32.70 2.06 -4.12
O2 EDO X . 32.63 2.24 -5.57
#